data_6A8L
#
_entry.id   6A8L
#
_cell.length_a   90.037
_cell.length_b   90.037
_cell.length_c   86.181
_cell.angle_alpha   90.00
_cell.angle_beta   90.00
_cell.angle_gamma   120.00
#
_symmetry.space_group_name_H-M   'P 62'
#
loop_
_entity.id
_entity.type
_entity.pdbx_description
1 polymer Isochorismatase
2 non-polymer 'ZINC ION'
3 water water
#
_entity_poly.entity_id   1
_entity_poly.type   'polypeptide(L)'
_entity_poly.pdbx_seq_one_letter_code
;MKKALICIDYTNDFAAENGALTCGEPARQIEDTIVSLTQAFIENGDYVVFAVDSHDADDDFHPETRLFPPHNINGTEGKE
LYGRLSPLYEKHKHAKNVNYMEKTRYSAFAGTDLELKLRERQIAELHLAGLCTDICVLHTAVDAYNKGFQIVIHQNAVAS
FNPEGHEWALSHFKNSIGAQVAE
;
_entity_poly.pdbx_strand_id   A,B
#
# COMPACT_ATOMS: atom_id res chain seq x y z
N MET A 1 -9.29 11.35 21.07
CA MET A 1 -9.41 9.91 20.85
C MET A 1 -8.09 9.18 21.14
N LYS A 2 -8.19 7.90 21.45
CA LYS A 2 -7.04 7.12 21.88
C LYS A 2 -5.98 6.98 20.78
N LYS A 3 -4.72 7.19 21.17
CA LYS A 3 -3.58 7.21 20.25
C LYS A 3 -2.61 6.05 20.47
N ALA A 4 -1.99 5.59 19.39
CA ALA A 4 -0.83 4.71 19.51
C ALA A 4 0.26 5.15 18.56
N LEU A 5 1.51 4.83 18.91
CA LEU A 5 2.65 5.10 18.05
C LEU A 5 3.23 3.78 17.52
N ILE A 6 3.40 3.68 16.20
CA ILE A 6 4.09 2.55 15.60
C ILE A 6 5.43 3.05 15.12
N CYS A 7 6.47 2.55 15.78
CA CYS A 7 7.84 2.91 15.50
C CYS A 7 8.49 1.82 14.65
N ILE A 8 8.63 2.07 13.36
CA ILE A 8 8.89 1.02 12.37
C ILE A 8 10.34 0.89 11.89
N ASP A 9 10.94 -0.26 12.18
CA ASP A 9 12.23 -0.67 11.60
C ASP A 9 13.35 0.35 11.77
N TYR A 10 13.39 1.06 12.89
CA TYR A 10 14.49 1.97 13.15
C TYR A 10 15.65 1.19 13.76
N THR A 11 16.31 0.40 12.93
CA THR A 11 17.39 -0.51 13.35
C THR A 11 18.74 -0.16 12.72
N ASN A 12 19.81 -0.74 13.25
CA ASN A 12 21.13 -0.55 12.68
C ASN A 12 21.16 -0.86 11.19
N ASP A 13 20.63 -2.01 10.79
CA ASP A 13 20.69 -2.41 9.38
C ASP A 13 20.00 -1.41 8.45
N PHE A 14 18.99 -0.70 8.95
CA PHE A 14 18.34 0.31 8.12
C PHE A 14 18.84 1.75 8.35
N ALA A 15 19.65 1.99 9.39
CA ALA A 15 20.06 3.36 9.70
C ALA A 15 21.58 3.58 9.86
N ALA A 16 22.31 2.58 10.34
CA ALA A 16 23.74 2.75 10.62
C ALA A 16 24.52 2.85 9.32
N GLU A 17 25.76 3.31 9.37
CA GLU A 17 26.55 3.47 8.14
C GLU A 17 26.93 2.13 7.54
N ASN A 18 27.31 1.19 8.40
CA ASN A 18 27.60 -0.16 7.97
C ASN A 18 26.37 -1.08 7.88
N GLY A 19 25.17 -0.50 7.98
CA GLY A 19 23.96 -1.30 8.03
C GLY A 19 23.69 -2.06 6.74
N ALA A 20 23.28 -3.33 6.86
CA ALA A 20 23.08 -4.21 5.70
C ALA A 20 22.18 -3.63 4.62
N LEU A 21 21.16 -2.88 5.02
CA LEU A 21 20.25 -2.23 4.08
C LEU A 21 20.04 -0.76 4.41
N THR A 22 21.13 -0.05 4.65
CA THR A 22 21.03 1.27 5.27
C THR A 22 20.41 2.34 4.34
N CYS A 23 19.60 3.22 4.93
CA CYS A 23 19.12 4.42 4.23
C CYS A 23 20.15 5.54 4.33
N GLY A 24 21.23 5.28 5.07
CA GLY A 24 22.30 6.25 5.23
C GLY A 24 21.84 7.48 5.99
N GLU A 25 22.48 8.61 5.68
CA GLU A 25 22.31 9.84 6.46
C GLU A 25 20.87 10.26 6.78
N PRO A 26 19.94 10.24 5.80
CA PRO A 26 18.59 10.66 6.17
C PRO A 26 18.03 9.89 7.38
N ALA A 27 18.28 8.58 7.42
CA ALA A 27 17.82 7.76 8.54
C ALA A 27 18.48 8.18 9.85
N ARG A 28 19.77 8.52 9.80
CA ARG A 28 20.47 8.98 10.99
C ARG A 28 19.99 10.37 11.35
N GLN A 29 19.59 11.14 10.35
CA GLN A 29 19.23 12.54 10.57
C GLN A 29 17.98 12.66 11.45
N ILE A 30 17.11 11.64 11.42
CA ILE A 30 15.88 11.70 12.20
C ILE A 30 16.01 11.16 13.64
N GLU A 31 17.20 10.73 14.05
CA GLU A 31 17.34 10.09 15.37
C GLU A 31 16.78 10.93 16.53
N ASP A 32 17.16 12.20 16.62
CA ASP A 32 16.66 13.05 17.71
C ASP A 32 15.14 13.19 17.72
N THR A 33 14.57 13.42 16.54
CA THR A 33 13.13 13.58 16.45
C THR A 33 12.39 12.29 16.82
N ILE A 34 12.83 11.15 16.29
CA ILE A 34 12.09 9.90 16.52
C ILE A 34 12.26 9.44 17.98
N VAL A 35 13.44 9.69 18.55
CA VAL A 35 13.63 9.33 19.96
C VAL A 35 12.77 10.23 20.87
N SER A 36 12.74 11.54 20.59
CA SER A 36 11.89 12.48 21.33
C SER A 36 10.40 12.12 21.25
N LEU A 37 9.94 11.86 20.02
CA LEU A 37 8.57 11.41 19.76
C LEU A 37 8.22 10.17 20.57
N THR A 38 9.05 9.15 20.44
CA THR A 38 8.76 7.88 21.07
C THR A 38 8.73 8.04 22.58
N GLN A 39 9.71 8.78 23.11
CA GLN A 39 9.75 9.01 24.54
C GLN A 39 8.53 9.78 25.03
N ALA A 40 8.09 10.77 24.25
CA ALA A 40 6.92 11.54 24.62
C ALA A 40 5.70 10.62 24.71
N PHE A 41 5.53 9.75 23.73
CA PHE A 41 4.43 8.79 23.78
C PHE A 41 4.53 7.86 25.01
N ILE A 42 5.71 7.30 25.24
CA ILE A 42 5.90 6.37 26.35
C ILE A 42 5.58 7.04 27.69
N GLU A 43 6.13 8.23 27.88
CA GLU A 43 6.02 8.92 29.16
C GLU A 43 4.61 9.43 29.37
N ASN A 44 3.92 9.73 28.28
CA ASN A 44 2.55 10.18 28.38
C ASN A 44 1.58 9.01 28.63
N GLY A 45 2.08 7.78 28.54
CA GLY A 45 1.26 6.61 28.83
C GLY A 45 0.47 6.03 27.66
N ASP A 46 0.67 6.59 26.47
CA ASP A 46 0.09 6.06 25.25
C ASP A 46 0.75 4.74 24.81
N TYR A 47 0.04 3.97 23.99
CA TYR A 47 0.55 2.70 23.48
C TYR A 47 1.66 2.92 22.45
N VAL A 48 2.76 2.19 22.60
CA VAL A 48 3.88 2.29 21.67
C VAL A 48 4.32 0.91 21.21
N VAL A 49 4.34 0.71 19.90
CA VAL A 49 4.78 -0.56 19.31
C VAL A 49 6.08 -0.33 18.54
N PHE A 50 7.14 -1.01 18.96
CA PHE A 50 8.34 -1.09 18.15
C PHE A 50 8.13 -2.24 17.18
N ALA A 51 7.85 -1.91 15.92
CA ALA A 51 7.56 -2.88 14.88
C ALA A 51 8.83 -3.17 14.09
N VAL A 52 9.38 -4.37 14.26
CA VAL A 52 10.73 -4.63 13.77
C VAL A 52 10.75 -5.84 12.86
N ASP A 53 11.21 -5.58 11.65
CA ASP A 53 11.46 -6.63 10.70
C ASP A 53 12.32 -7.73 11.31
N SER A 54 11.83 -8.95 11.26
CA SER A 54 12.57 -10.07 11.83
C SER A 54 12.60 -11.21 10.84
N HIS A 55 13.77 -11.43 10.25
CA HIS A 55 13.88 -12.45 9.23
C HIS A 55 14.70 -13.63 9.69
N ASP A 56 14.23 -14.82 9.30
CA ASP A 56 15.08 -15.97 9.16
C ASP A 56 15.59 -15.90 7.72
N ALA A 57 16.87 -15.60 7.56
CA ALA A 57 17.50 -15.48 6.24
C ALA A 57 17.67 -16.86 5.60
N ASP A 58 17.31 -17.88 6.36
CA ASP A 58 17.41 -19.26 5.94
C ASP A 58 16.11 -19.77 5.34
N ASP A 59 15.22 -18.86 4.93
CA ASP A 59 13.90 -19.27 4.48
C ASP A 59 13.66 -18.93 3.01
N ASP A 60 13.94 -19.87 2.13
CA ASP A 60 13.71 -19.68 0.70
C ASP A 60 12.22 -19.48 0.38
N PHE A 61 11.37 -19.79 1.36
CA PHE A 61 9.94 -19.56 1.22
C PHE A 61 9.54 -18.10 1.44
N HIS A 62 10.41 -17.34 2.09
CA HIS A 62 10.19 -15.90 2.26
C HIS A 62 10.44 -15.20 0.94
N PRO A 63 9.55 -14.26 0.57
CA PRO A 63 9.69 -13.52 -0.70
C PRO A 63 10.97 -12.69 -0.79
N GLU A 64 11.51 -12.25 0.34
CA GLU A 64 12.70 -11.40 0.31
C GLU A 64 14.01 -12.17 0.24
N THR A 65 13.95 -13.46 0.60
CA THR A 65 15.13 -14.27 0.92
C THR A 65 16.30 -14.21 -0.06
N ARG A 66 15.95 -14.30 -1.35
CA ARG A 66 16.95 -14.45 -2.41
C ARG A 66 17.19 -13.08 -3.06
N LEU A 67 16.32 -12.12 -2.71
CA LEU A 67 16.25 -10.85 -3.43
C LEU A 67 16.63 -9.64 -2.56
N PHE A 68 17.18 -9.93 -1.38
CA PHE A 68 17.70 -8.91 -0.47
C PHE A 68 18.78 -9.55 0.37
N PRO A 69 19.82 -8.79 0.72
CA PRO A 69 20.83 -9.40 1.59
C PRO A 69 20.26 -9.61 3.00
N PRO A 70 20.84 -10.53 3.77
CA PRO A 70 20.30 -10.75 5.11
C PRO A 70 20.30 -9.46 5.93
N HIS A 71 19.16 -9.13 6.50
CA HIS A 71 19.01 -7.89 7.26
C HIS A 71 18.09 -8.14 8.44
N ASN A 72 18.27 -7.35 9.49
CA ASN A 72 17.52 -7.50 10.74
C ASN A 72 17.36 -8.95 11.15
N ILE A 73 18.45 -9.71 11.02
CA ILE A 73 18.49 -11.10 11.44
C ILE A 73 18.46 -11.18 12.96
N ASN A 74 17.60 -12.05 13.47
CA ASN A 74 17.56 -12.31 14.90
C ASN A 74 18.94 -12.61 15.48
N GLY A 75 19.19 -12.12 16.69
CA GLY A 75 20.47 -12.33 17.34
C GLY A 75 21.60 -11.40 16.92
N THR A 76 21.48 -10.79 15.75
CA THR A 76 22.55 -9.94 15.23
C THR A 76 22.39 -8.50 15.66
N GLU A 77 23.49 -7.76 15.78
CA GLU A 77 23.38 -6.40 16.28
C GLU A 77 22.80 -5.48 15.21
N GLY A 78 22.68 -5.98 13.98
CA GLY A 78 21.99 -5.28 12.93
C GLY A 78 20.50 -5.11 13.23
N LYS A 79 19.96 -6.01 14.04
CA LYS A 79 18.54 -5.94 14.40
C LYS A 79 18.28 -4.99 15.57
N GLU A 80 19.33 -4.54 16.24
CA GLU A 80 19.16 -3.67 17.41
C GLU A 80 18.66 -2.28 17.00
N LEU A 81 17.81 -1.69 17.82
CA LEU A 81 17.28 -0.36 17.52
C LEU A 81 18.44 0.60 17.41
N TYR A 82 18.32 1.59 16.52
CA TYR A 82 19.44 2.47 16.23
C TYR A 82 19.66 3.54 17.29
N GLY A 83 20.92 3.73 17.65
CA GLY A 83 21.30 4.88 18.47
C GLY A 83 20.54 4.96 19.79
N ARG A 84 20.07 6.17 20.11
CA ARG A 84 19.48 6.36 21.42
C ARG A 84 18.09 5.75 21.53
N LEU A 85 17.56 5.22 20.43
CA LEU A 85 16.29 4.52 20.54
C LEU A 85 16.52 3.22 21.31
N SER A 86 17.72 2.64 21.22
CA SER A 86 17.90 1.37 21.91
C SER A 86 17.89 1.47 23.46
N PRO A 87 18.62 2.43 24.06
CA PRO A 87 18.48 2.50 25.53
C PRO A 87 17.07 2.95 25.99
N LEU A 88 16.41 3.85 25.24
CA LEU A 88 15.03 4.23 25.53
C LEU A 88 14.15 2.99 25.65
N TYR A 89 14.19 2.13 24.63
CA TYR A 89 13.43 0.91 24.68
C TYR A 89 13.83 0.06 25.87
N GLU A 90 15.14 -0.09 26.11
CA GLU A 90 15.58 -0.97 27.20
C GLU A 90 15.10 -0.40 28.52
N LYS A 91 14.96 0.91 28.60
CA LYS A 91 14.54 1.52 29.86
C LYS A 91 13.05 1.29 30.11
N HIS A 92 12.27 1.13 29.04
CA HIS A 92 10.83 1.09 29.20
C HIS A 92 10.17 -0.23 28.79
N LYS A 93 10.96 -1.20 28.38
CA LYS A 93 10.42 -2.40 27.74
C LYS A 93 9.48 -3.18 28.63
N HIS A 94 9.67 -3.07 29.95
CA HIS A 94 8.79 -3.70 30.94
C HIS A 94 7.39 -3.09 30.97
N ALA A 95 7.29 -1.84 30.53
CA ALA A 95 6.08 -1.06 30.74
C ALA A 95 4.89 -1.65 30.01
N LYS A 96 3.73 -1.48 30.63
CA LYS A 96 2.51 -2.03 30.09
C LYS A 96 2.16 -1.42 28.72
N ASN A 97 2.54 -0.17 28.51
CA ASN A 97 2.18 0.50 27.26
C ASN A 97 3.26 0.39 26.19
N VAL A 98 4.25 -0.47 26.41
CA VAL A 98 5.31 -0.69 25.44
C VAL A 98 5.27 -2.14 24.95
N ASN A 99 5.34 -2.29 23.63
CA ASN A 99 5.28 -3.60 22.99
C ASN A 99 6.38 -3.73 21.94
N TYR A 100 7.14 -4.81 21.97
CA TYR A 100 8.08 -5.09 20.90
C TYR A 100 7.43 -6.15 20.01
N MET A 101 7.26 -5.83 18.74
CA MET A 101 6.54 -6.72 17.83
C MET A 101 7.34 -7.03 16.57
N GLU A 102 7.71 -8.29 16.40
CA GLU A 102 8.39 -8.72 15.18
C GLU A 102 7.42 -8.83 14.01
N LYS A 103 7.87 -8.46 12.82
CA LYS A 103 7.05 -8.60 11.62
C LYS A 103 7.83 -9.24 10.47
N THR A 104 7.12 -9.86 9.54
CA THR A 104 7.79 -10.61 8.47
C THR A 104 7.51 -10.06 7.06
N ARG A 105 6.67 -9.03 6.96
CA ARG A 105 6.44 -8.33 5.67
C ARG A 105 6.62 -6.84 5.89
N TYR A 106 6.42 -6.03 4.85
CA TYR A 106 6.69 -4.60 5.01
C TYR A 106 5.72 -3.98 5.99
N SER A 107 4.44 -4.23 5.79
CA SER A 107 3.42 -3.69 6.69
C SER A 107 3.48 -4.29 8.09
N ALA A 108 3.37 -3.43 9.10
CA ALA A 108 3.35 -3.85 10.50
C ALA A 108 2.12 -4.67 10.88
N PHE A 109 1.10 -4.66 10.02
CA PHE A 109 -0.12 -5.44 10.24
C PHE A 109 -0.05 -6.89 9.71
N ALA A 110 0.74 -7.07 8.67
CA ALA A 110 0.73 -8.31 7.89
C ALA A 110 1.27 -9.49 8.68
N GLY A 111 0.37 -10.40 9.04
CA GLY A 111 0.76 -11.60 9.77
C GLY A 111 1.11 -11.34 11.23
N THR A 112 0.74 -10.18 11.76
CA THR A 112 1.05 -9.83 13.16
C THR A 112 -0.25 -9.73 13.96
N ASP A 113 -0.15 -9.48 15.26
CA ASP A 113 -1.35 -9.29 16.06
C ASP A 113 -1.50 -7.80 16.40
N LEU A 114 -0.97 -6.94 15.53
CA LEU A 114 -1.06 -5.50 15.75
C LEU A 114 -2.51 -5.02 15.84
N GLU A 115 -3.32 -5.41 14.88
CA GLU A 115 -4.70 -4.97 14.88
C GLU A 115 -5.44 -5.45 16.13
N LEU A 116 -5.23 -6.71 16.51
CA LEU A 116 -5.81 -7.25 17.73
C LEU A 116 -5.55 -6.34 18.91
N LYS A 117 -4.27 -5.97 19.04
CA LYS A 117 -3.79 -5.19 20.17
C LYS A 117 -4.36 -3.78 20.15
N LEU A 118 -4.47 -3.21 18.95
CA LEU A 118 -5.03 -1.88 18.81
C LEU A 118 -6.51 -1.87 19.18
N ARG A 119 -7.25 -2.88 18.74
CA ARG A 119 -8.67 -2.99 19.08
C ARG A 119 -8.90 -3.13 20.58
N GLU A 120 -8.13 -4.02 21.20
CA GLU A 120 -8.20 -4.24 22.64
C GLU A 120 -8.10 -2.94 23.43
N ARG A 121 -7.26 -2.04 22.93
CA ARG A 121 -6.90 -0.81 23.64
C ARG A 121 -7.76 0.33 23.14
N GLN A 122 -8.72 -0.01 22.28
CA GLN A 122 -9.58 0.95 21.62
C GLN A 122 -8.83 2.12 21.00
N ILE A 123 -7.73 1.83 20.32
CA ILE A 123 -6.98 2.87 19.62
C ILE A 123 -7.71 3.31 18.38
N ALA A 124 -7.85 4.62 18.20
CA ALA A 124 -8.58 5.17 17.05
C ALA A 124 -7.65 5.95 16.11
N GLU A 125 -6.55 6.46 16.67
CA GLU A 125 -5.58 7.26 15.93
C GLU A 125 -4.17 6.62 15.97
N LEU A 126 -3.63 6.35 14.78
CA LEU A 126 -2.36 5.67 14.60
C LEU A 126 -1.29 6.62 14.09
N HIS A 127 -0.27 6.82 14.91
CA HIS A 127 0.88 7.65 14.58
C HIS A 127 2.03 6.78 14.04
N LEU A 128 2.60 7.15 12.90
CA LEU A 128 3.64 6.35 12.30
C LEU A 128 4.96 7.10 12.23
N ALA A 129 6.03 6.40 12.59
CA ALA A 129 7.38 6.89 12.38
C ALA A 129 8.28 5.73 12.00
N GLY A 130 9.46 6.03 11.47
CA GLY A 130 10.41 4.99 11.16
C GLY A 130 10.81 4.93 9.69
N LEU A 131 11.23 3.75 9.23
CA LEU A 131 11.86 3.55 7.93
C LEU A 131 11.23 2.36 7.18
N CYS A 132 11.17 2.37 5.84
CA CYS A 132 11.34 3.52 4.97
C CYS A 132 10.00 4.14 4.68
N THR A 133 9.99 5.46 4.54
CA THR A 133 8.78 6.21 4.16
C THR A 133 7.95 5.54 3.05
N ASP A 134 8.61 5.17 1.97
CA ASP A 134 7.91 4.62 0.81
C ASP A 134 7.92 3.08 0.77
N ILE A 135 8.28 2.42 1.86
CA ILE A 135 8.20 0.97 1.84
C ILE A 135 7.42 0.48 3.07
N CYS A 136 8.09 0.25 4.20
CA CYS A 136 7.39 -0.27 5.38
C CYS A 136 6.37 0.70 5.96
N VAL A 137 6.73 1.98 5.99
CA VAL A 137 5.78 2.99 6.47
C VAL A 137 4.57 3.05 5.54
N LEU A 138 4.83 3.02 4.23
CA LEU A 138 3.78 3.05 3.23
C LEU A 138 2.85 1.84 3.36
N HIS A 139 3.40 0.64 3.42
CA HIS A 139 2.56 -0.55 3.45
C HIS A 139 1.71 -0.57 4.72
N THR A 140 2.34 -0.18 5.82
CA THR A 140 1.66 -0.06 7.10
C THR A 140 0.50 0.93 6.98
N ALA A 141 0.72 2.07 6.31
CA ALA A 141 -0.33 3.08 6.15
C ALA A 141 -1.46 2.61 5.25
N VAL A 142 -1.13 1.90 4.18
CA VAL A 142 -2.18 1.31 3.32
C VAL A 142 -3.11 0.43 4.16
N ASP A 143 -2.52 -0.53 4.89
CA ASP A 143 -3.31 -1.36 5.80
C ASP A 143 -4.09 -0.56 6.83
N ALA A 144 -3.45 0.40 7.49
CA ALA A 144 -4.13 1.19 8.51
C ALA A 144 -5.35 1.90 7.90
N TYR A 145 -5.19 2.34 6.67
CA TYR A 145 -6.22 3.09 5.97
C TYR A 145 -7.42 2.18 5.71
N ASN A 146 -7.14 1.00 5.14
CA ASN A 146 -8.20 0.05 4.84
C ASN A 146 -8.88 -0.50 6.10
N LYS A 147 -8.19 -0.43 7.24
CA LYS A 147 -8.73 -0.94 8.50
C LYS A 147 -9.41 0.17 9.27
N GLY A 148 -9.47 1.34 8.67
CA GLY A 148 -10.30 2.41 9.20
C GLY A 148 -9.70 3.29 10.30
N PHE A 149 -8.38 3.24 10.49
CA PHE A 149 -7.76 4.10 11.50
C PHE A 149 -7.56 5.51 10.97
N GLN A 150 -7.71 6.50 11.86
CA GLN A 150 -7.15 7.84 11.62
C GLN A 150 -5.62 7.72 11.65
N ILE A 151 -4.94 8.39 10.73
CA ILE A 151 -3.50 8.23 10.59
C ILE A 151 -2.77 9.58 10.70
N VAL A 152 -1.71 9.61 11.50
CA VAL A 152 -0.81 10.75 11.58
C VAL A 152 0.62 10.28 11.24
N ILE A 153 1.20 10.86 10.21
CA ILE A 153 2.55 10.57 9.76
C ILE A 153 3.51 11.60 10.33
N HIS A 154 4.58 11.18 10.99
CA HIS A 154 5.48 12.19 11.53
C HIS A 154 6.61 12.44 10.55
N GLN A 155 6.45 13.51 9.79
CA GLN A 155 7.30 13.81 8.65
C GLN A 155 8.80 13.86 8.98
N ASN A 156 9.13 14.39 10.16
CA ASN A 156 10.53 14.56 10.55
C ASN A 156 11.05 13.36 11.30
N ALA A 157 10.22 12.32 11.38
CA ALA A 157 10.58 11.08 12.04
C ALA A 157 10.39 9.90 11.09
N VAL A 158 10.37 10.19 9.80
CA VAL A 158 10.40 9.15 8.77
C VAL A 158 11.45 9.53 7.72
N ALA A 159 12.02 8.51 7.08
CA ALA A 159 13.06 8.73 6.09
C ALA A 159 13.12 7.53 5.15
N SER A 160 13.70 7.75 3.97
CA SER A 160 13.94 6.69 3.00
C SER A 160 15.34 6.84 2.41
N PHE A 161 15.87 5.79 1.82
CA PHE A 161 17.11 5.90 1.04
C PHE A 161 16.82 6.59 -0.29
N ASN A 162 15.55 6.71 -0.63
CA ASN A 162 15.13 7.33 -1.88
C ASN A 162 14.36 8.62 -1.62
N PRO A 163 14.99 9.77 -1.90
CA PRO A 163 14.41 11.11 -1.71
C PRO A 163 13.10 11.35 -2.49
N GLU A 164 13.05 10.91 -3.75
CA GLU A 164 11.85 11.05 -4.56
C GLU A 164 10.73 10.19 -3.99
N GLY A 165 11.06 8.97 -3.57
CA GLY A 165 10.09 8.09 -2.93
C GLY A 165 9.55 8.67 -1.65
N HIS A 166 10.42 9.28 -0.85
CA HIS A 166 10.05 9.94 0.40
C HIS A 166 9.03 11.06 0.15
N GLU A 167 9.37 11.99 -0.75
CA GLU A 167 8.43 13.07 -1.07
C GLU A 167 7.09 12.56 -1.66
N TRP A 168 7.20 11.64 -2.62
CA TRP A 168 6.02 11.02 -3.21
C TRP A 168 5.14 10.44 -2.11
N ALA A 169 5.75 9.73 -1.16
CA ALA A 169 5.00 9.04 -0.11
C ALA A 169 4.29 10.00 0.80
N LEU A 170 4.95 11.09 1.18
CA LEU A 170 4.28 12.06 2.04
C LEU A 170 3.09 12.69 1.34
N SER A 171 3.25 12.99 0.04
CA SER A 171 2.10 13.54 -0.66
C SER A 171 1.00 12.47 -0.79
N HIS A 172 1.37 11.21 -0.94
CA HIS A 172 0.40 10.11 -1.01
C HIS A 172 -0.40 10.03 0.29
N PHE A 173 0.31 10.03 1.43
CA PHE A 173 -0.33 9.96 2.74
C PHE A 173 -1.33 11.09 2.92
N LYS A 174 -0.90 12.31 2.59
CA LYS A 174 -1.78 13.46 2.80
C LYS A 174 -2.98 13.46 1.84
N ASN A 175 -2.74 13.16 0.57
CA ASN A 175 -3.74 13.39 -0.49
C ASN A 175 -4.67 12.21 -0.82
N SER A 176 -4.11 11.00 -0.86
CA SER A 176 -4.90 9.82 -1.16
C SER A 176 -5.43 9.18 0.11
N ILE A 177 -4.56 8.98 1.08
CA ILE A 177 -4.91 8.31 2.34
C ILE A 177 -5.60 9.24 3.36
N GLY A 178 -5.48 10.55 3.19
CA GLY A 178 -6.14 11.50 4.08
C GLY A 178 -5.51 11.58 5.46
N ALA A 179 -4.25 11.18 5.56
CA ALA A 179 -3.55 11.28 6.85
C ALA A 179 -3.18 12.72 7.15
N GLN A 180 -3.02 13.03 8.43
CA GLN A 180 -2.33 14.25 8.83
C GLN A 180 -0.83 14.03 8.73
N VAL A 181 -0.14 14.85 7.93
CA VAL A 181 1.32 14.78 7.89
C VAL A 181 1.86 15.88 8.80
N ALA A 182 2.31 15.48 9.98
CA ALA A 182 2.77 16.42 11.01
C ALA A 182 4.26 16.73 10.88
N GLU A 183 4.60 18.01 11.06
CA GLU A 183 5.99 18.46 10.96
C GLU A 183 6.62 18.57 12.35
N MET B 1 1.04 -20.54 -14.56
CA MET B 1 0.04 -20.71 -13.51
C MET B 1 -1.33 -20.30 -14.03
N LYS B 2 -2.39 -20.54 -13.25
CA LYS B 2 -3.68 -19.96 -13.58
C LYS B 2 -3.60 -18.46 -13.32
N LYS B 3 -4.17 -17.67 -14.24
CA LYS B 3 -4.07 -16.22 -14.23
C LYS B 3 -5.42 -15.55 -14.01
N ALA B 4 -5.39 -14.34 -13.49
CA ALA B 4 -6.57 -13.48 -13.53
C ALA B 4 -6.11 -12.08 -13.86
N LEU B 5 -6.94 -11.32 -14.54
CA LEU B 5 -6.62 -9.92 -14.78
C LEU B 5 -7.58 -9.04 -14.00
N ILE B 6 -7.02 -8.06 -13.30
CA ILE B 6 -7.81 -7.09 -12.56
C ILE B 6 -7.67 -5.74 -13.29
N CYS B 7 -8.80 -5.26 -13.80
CA CYS B 7 -8.85 -4.08 -14.64
C CYS B 7 -9.49 -2.98 -13.82
N ILE B 8 -8.66 -2.07 -13.33
CA ILE B 8 -9.05 -1.20 -12.23
C ILE B 8 -9.41 0.23 -12.64
N ASP B 9 -10.62 0.63 -12.25
CA ASP B 9 -11.10 2.01 -12.31
C ASP B 9 -10.88 2.73 -13.66
N TYR B 10 -11.05 2.03 -14.77
CA TYR B 10 -10.90 2.68 -16.05
C TYR B 10 -12.25 3.27 -16.46
N THR B 11 -12.69 4.27 -15.68
CA THR B 11 -13.96 4.93 -15.88
C THR B 11 -13.82 6.31 -16.53
N ASN B 12 -14.95 6.82 -17.02
CA ASN B 12 -15.01 8.20 -17.51
C ASN B 12 -14.45 9.20 -16.50
N ASP B 13 -14.90 9.11 -15.26
CA ASP B 13 -14.52 10.09 -14.25
C ASP B 13 -13.02 10.12 -14.02
N PHE B 14 -12.34 9.02 -14.33
CA PHE B 14 -10.90 8.95 -14.14
C PHE B 14 -10.10 9.16 -15.44
N ALA B 15 -10.76 9.08 -16.60
CA ALA B 15 -10.05 9.26 -17.89
C ALA B 15 -10.61 10.38 -18.79
N ALA B 16 -11.93 10.61 -18.77
CA ALA B 16 -12.54 11.54 -19.72
C ALA B 16 -12.09 13.00 -19.51
N GLU B 17 -12.11 13.77 -20.60
CA GLU B 17 -11.63 15.15 -20.61
C GLU B 17 -12.27 16.01 -19.51
N ASN B 18 -13.58 15.81 -19.30
CA ASN B 18 -14.28 16.44 -18.19
C ASN B 18 -14.57 15.41 -17.10
N GLY B 19 -13.69 14.42 -16.97
CA GLY B 19 -13.81 13.47 -15.88
C GLY B 19 -13.86 14.22 -14.55
N ALA B 20 -14.80 13.84 -13.68
CA ALA B 20 -14.96 14.48 -12.38
C ALA B 20 -13.69 14.42 -11.52
N LEU B 21 -12.76 13.53 -11.90
CA LEU B 21 -11.50 13.39 -11.18
C LEU B 21 -10.42 12.93 -12.15
N THR B 22 -10.43 13.51 -13.34
CA THR B 22 -9.71 12.97 -14.48
C THR B 22 -8.20 12.99 -14.32
N CYS B 23 -7.55 11.96 -14.84
CA CYS B 23 -6.10 11.87 -14.83
C CYS B 23 -5.53 12.45 -16.12
N GLY B 24 -6.43 12.75 -17.06
CA GLY B 24 -6.05 13.44 -18.27
C GLY B 24 -5.37 12.55 -19.29
N GLU B 25 -4.57 13.16 -20.14
CA GLU B 25 -4.00 12.49 -21.31
C GLU B 25 -3.37 11.11 -21.03
N PRO B 26 -2.53 10.98 -19.97
CA PRO B 26 -1.93 9.66 -19.73
C PRO B 26 -2.98 8.55 -19.63
N ALA B 27 -4.08 8.84 -18.94
CA ALA B 27 -5.18 7.90 -18.80
C ALA B 27 -5.77 7.49 -20.14
N ARG B 28 -5.96 8.46 -21.03
CA ARG B 28 -6.55 8.12 -22.33
C ARG B 28 -5.51 7.49 -23.23
N GLN B 29 -4.24 7.66 -22.89
CA GLN B 29 -3.19 7.19 -23.79
C GLN B 29 -3.16 5.67 -23.83
N ILE B 30 -3.60 5.05 -22.73
CA ILE B 30 -3.49 3.61 -22.59
C ILE B 30 -4.74 2.86 -23.09
N GLU B 31 -5.75 3.60 -23.56
CA GLU B 31 -7.01 3.00 -24.01
C GLU B 31 -6.83 1.76 -24.90
N ASP B 32 -6.08 1.91 -25.98
CA ASP B 32 -5.92 0.81 -26.92
C ASP B 32 -5.25 -0.40 -26.27
N THR B 33 -4.22 -0.15 -25.49
CA THR B 33 -3.46 -1.24 -24.90
C THR B 33 -4.28 -1.99 -23.86
N ILE B 34 -5.00 -1.26 -23.01
CA ILE B 34 -5.77 -1.92 -21.96
C ILE B 34 -6.99 -2.64 -22.55
N VAL B 35 -7.60 -2.06 -23.59
CA VAL B 35 -8.71 -2.74 -24.26
C VAL B 35 -8.20 -4.04 -24.89
N SER B 36 -7.06 -3.99 -25.55
CA SER B 36 -6.49 -5.20 -26.14
C SER B 36 -6.13 -6.26 -25.10
N LEU B 37 -5.50 -5.83 -24.01
CA LEU B 37 -5.15 -6.74 -22.92
C LEU B 37 -6.37 -7.44 -22.35
N THR B 38 -7.37 -6.64 -21.99
CA THR B 38 -8.59 -7.17 -21.38
C THR B 38 -9.30 -8.13 -22.34
N GLN B 39 -9.42 -7.72 -23.61
CA GLN B 39 -10.02 -8.58 -24.62
C GLN B 39 -9.28 -9.91 -24.72
N ALA B 40 -7.95 -9.84 -24.78
CA ALA B 40 -7.13 -11.05 -24.89
C ALA B 40 -7.39 -11.99 -23.71
N PHE B 41 -7.42 -11.44 -22.50
CA PHE B 41 -7.73 -12.26 -21.35
C PHE B 41 -9.11 -12.90 -21.45
N ILE B 42 -10.12 -12.11 -21.79
CA ILE B 42 -11.48 -12.62 -21.86
C ILE B 42 -11.62 -13.73 -22.89
N GLU B 43 -11.09 -13.51 -24.09
CA GLU B 43 -11.21 -14.48 -25.18
C GLU B 43 -10.40 -15.74 -24.93
N ASN B 44 -9.32 -15.62 -24.17
CA ASN B 44 -8.53 -16.81 -23.86
C ASN B 44 -9.13 -17.59 -22.70
N GLY B 45 -10.23 -17.09 -22.14
CA GLY B 45 -10.92 -17.79 -21.07
C GLY B 45 -10.39 -17.55 -19.66
N ASP B 46 -9.43 -16.66 -19.52
CA ASP B 46 -8.91 -16.33 -18.19
C ASP B 46 -9.92 -15.51 -17.40
N TYR B 47 -9.80 -15.52 -16.08
CA TYR B 47 -10.69 -14.76 -15.21
C TYR B 47 -10.41 -13.26 -15.34
N VAL B 48 -11.45 -12.47 -15.57
CA VAL B 48 -11.29 -11.03 -15.72
C VAL B 48 -12.23 -10.30 -14.77
N VAL B 49 -11.66 -9.47 -13.90
CA VAL B 49 -12.47 -8.67 -12.99
C VAL B 49 -12.36 -7.20 -13.35
N PHE B 50 -13.50 -6.58 -13.63
CA PHE B 50 -13.58 -5.13 -13.77
C PHE B 50 -13.85 -4.59 -12.38
N ALA B 51 -12.79 -4.11 -11.72
CA ALA B 51 -12.91 -3.58 -10.37
C ALA B 51 -13.13 -2.07 -10.43
N VAL B 52 -14.30 -1.63 -10.00
CA VAL B 52 -14.72 -0.27 -10.30
C VAL B 52 -15.19 0.44 -9.05
N ASP B 53 -14.47 1.50 -8.72
CA ASP B 53 -14.86 2.46 -7.69
C ASP B 53 -16.36 2.74 -7.76
N SER B 54 -17.04 2.68 -6.62
CA SER B 54 -18.50 2.84 -6.63
C SER B 54 -18.95 3.67 -5.44
N HIS B 55 -19.61 4.79 -5.75
CA HIS B 55 -20.02 5.76 -4.75
C HIS B 55 -21.52 6.05 -4.81
N ASP B 56 -22.17 6.06 -3.64
CA ASP B 56 -23.52 6.59 -3.54
C ASP B 56 -23.47 8.11 -3.40
N ALA B 57 -24.52 8.78 -3.86
CA ALA B 57 -24.59 10.23 -3.79
C ALA B 57 -24.59 10.78 -2.36
N ASP B 58 -25.43 10.20 -1.49
CA ASP B 58 -25.53 10.66 -0.12
C ASP B 58 -24.77 9.78 0.89
N ASP B 59 -23.47 10.03 1.04
CA ASP B 59 -22.66 9.17 1.89
C ASP B 59 -21.55 9.90 2.63
N ASP B 60 -21.91 10.58 3.71
CA ASP B 60 -20.92 11.34 4.46
C ASP B 60 -20.02 10.44 5.29
N PHE B 61 -20.21 9.13 5.18
CA PHE B 61 -19.40 8.20 5.96
C PHE B 61 -18.21 7.69 5.19
N HIS B 62 -18.22 7.84 3.88
CA HIS B 62 -17.09 7.43 3.08
C HIS B 62 -15.88 8.35 3.30
N PRO B 63 -14.71 7.77 3.60
CA PRO B 63 -13.50 8.58 3.82
C PRO B 63 -13.18 9.54 2.64
N GLU B 64 -13.36 9.08 1.42
CA GLU B 64 -13.00 9.89 0.25
C GLU B 64 -13.87 11.14 0.11
N THR B 65 -15.00 11.18 0.80
CA THR B 65 -15.88 12.32 0.66
C THR B 65 -15.24 13.55 1.32
N ARG B 66 -14.23 13.31 2.15
CA ARG B 66 -13.51 14.42 2.79
C ARG B 66 -12.48 15.01 1.85
N LEU B 67 -12.01 14.20 0.90
CA LEU B 67 -10.82 14.50 0.10
C LEU B 67 -11.07 14.86 -1.34
N PHE B 68 -12.23 14.46 -1.87
CA PHE B 68 -12.45 14.52 -3.31
C PHE B 68 -13.83 15.02 -3.67
N PRO B 69 -13.95 15.63 -4.84
CA PRO B 69 -15.27 15.93 -5.44
C PRO B 69 -16.03 14.64 -5.75
N PRO B 70 -17.38 14.69 -5.75
CA PRO B 70 -18.19 13.56 -6.23
C PRO B 70 -17.64 12.95 -7.51
N HIS B 71 -17.55 11.61 -7.55
CA HIS B 71 -16.97 10.92 -8.69
C HIS B 71 -17.38 9.45 -8.66
N ASN B 72 -17.34 8.81 -9.83
CA ASN B 72 -17.73 7.40 -9.99
C ASN B 72 -19.00 7.09 -9.19
N ILE B 73 -19.97 8.00 -9.28
CA ILE B 73 -21.24 7.86 -8.60
C ILE B 73 -22.10 6.81 -9.30
N ASN B 74 -22.70 5.93 -8.51
CA ASN B 74 -23.56 4.87 -9.03
C ASN B 74 -24.67 5.42 -9.93
N GLY B 75 -24.73 4.95 -11.17
CA GLY B 75 -25.81 5.30 -12.06
C GLY B 75 -25.52 6.47 -12.99
N THR B 76 -24.37 7.09 -12.83
CA THR B 76 -24.01 8.25 -13.64
C THR B 76 -23.07 7.84 -14.75
N GLU B 77 -22.96 8.67 -15.80
CA GLU B 77 -22.11 8.34 -16.93
C GLU B 77 -20.62 8.32 -16.55
N GLY B 78 -20.28 9.10 -15.53
CA GLY B 78 -18.91 9.14 -15.04
C GLY B 78 -18.39 7.79 -14.60
N LYS B 79 -19.26 6.98 -14.00
CA LYS B 79 -18.86 5.65 -13.53
C LYS B 79 -18.65 4.64 -14.66
N GLU B 80 -19.23 4.92 -15.82
CA GLU B 80 -19.15 3.98 -16.93
C GLU B 80 -17.71 3.81 -17.40
N LEU B 81 -17.38 2.62 -17.91
CA LEU B 81 -16.04 2.32 -18.40
C LEU B 81 -15.67 3.21 -19.56
N TYR B 82 -14.44 3.70 -19.57
CA TYR B 82 -14.07 4.70 -20.57
C TYR B 82 -13.82 4.11 -21.95
N GLY B 83 -14.29 4.83 -22.97
CA GLY B 83 -13.96 4.53 -24.34
C GLY B 83 -14.34 3.14 -24.82
N ARG B 84 -13.43 2.56 -25.60
CA ARG B 84 -13.67 1.26 -26.20
C ARG B 84 -13.74 0.11 -25.17
N LEU B 85 -13.49 0.41 -23.90
CA LEU B 85 -13.60 -0.63 -22.88
C LEU B 85 -15.07 -0.83 -22.53
N SER B 86 -15.88 0.22 -22.70
CA SER B 86 -17.29 0.08 -22.33
C SER B 86 -18.03 -0.92 -23.25
N PRO B 87 -17.83 -0.83 -24.59
CA PRO B 87 -18.47 -1.89 -25.37
C PRO B 87 -17.87 -3.30 -25.14
N LEU B 88 -16.56 -3.41 -24.95
CA LEU B 88 -15.94 -4.71 -24.68
C LEU B 88 -16.68 -5.40 -23.55
N TYR B 89 -16.76 -4.72 -22.42
CA TYR B 89 -17.49 -5.24 -21.29
C TYR B 89 -18.93 -5.58 -21.66
N GLU B 90 -19.59 -4.67 -22.37
CA GLU B 90 -20.99 -4.89 -22.71
C GLU B 90 -21.11 -6.18 -23.53
N LYS B 91 -20.12 -6.45 -24.38
CA LYS B 91 -20.17 -7.64 -25.21
C LYS B 91 -20.07 -8.91 -24.35
N HIS B 92 -19.28 -8.83 -23.27
CA HIS B 92 -18.91 -10.04 -22.56
C HIS B 92 -19.47 -10.14 -21.15
N LYS B 93 -20.39 -9.28 -20.79
CA LYS B 93 -20.76 -9.16 -19.39
C LYS B 93 -21.51 -10.37 -18.87
N HIS B 94 -21.89 -11.28 -19.75
CA HIS B 94 -22.58 -12.50 -19.34
C HIS B 94 -21.64 -13.67 -19.21
N ALA B 95 -20.39 -13.48 -19.63
CA ALA B 95 -19.44 -14.57 -19.63
C ALA B 95 -19.16 -15.03 -18.19
N LYS B 96 -18.88 -16.32 -18.04
CA LYS B 96 -18.63 -16.90 -16.73
C LYS B 96 -17.30 -16.38 -16.18
N ASN B 97 -16.37 -16.10 -17.07
CA ASN B 97 -15.04 -15.68 -16.68
C ASN B 97 -14.93 -14.16 -16.61
N VAL B 98 -16.07 -13.49 -16.52
CA VAL B 98 -16.11 -12.04 -16.40
C VAL B 98 -16.88 -11.66 -15.15
N ASN B 99 -16.26 -10.83 -14.32
CA ASN B 99 -16.85 -10.38 -13.07
C ASN B 99 -16.82 -8.86 -13.03
N TYR B 100 -17.97 -8.24 -12.80
CA TYR B 100 -18.01 -6.79 -12.56
C TYR B 100 -18.12 -6.59 -11.08
N MET B 101 -17.07 -6.04 -10.48
CA MET B 101 -16.99 -5.91 -9.02
C MET B 101 -16.87 -4.45 -8.57
N GLU B 102 -17.91 -3.96 -7.92
CA GLU B 102 -17.92 -2.66 -7.28
C GLU B 102 -17.05 -2.64 -6.04
N LYS B 103 -16.20 -1.62 -5.92
CA LYS B 103 -15.34 -1.52 -4.73
C LYS B 103 -15.41 -0.12 -4.12
N THR B 104 -15.08 -0.01 -2.83
CA THR B 104 -15.29 1.23 -2.11
C THR B 104 -14.01 1.82 -1.48
N ARG B 105 -12.86 1.22 -1.76
CA ARG B 105 -11.57 1.75 -1.35
C ARG B 105 -10.65 1.60 -2.56
N TYR B 106 -9.39 2.03 -2.46
CA TYR B 106 -8.50 1.99 -3.62
C TYR B 106 -8.15 0.55 -4.01
N SER B 107 -7.81 -0.26 -3.00
CA SER B 107 -7.47 -1.66 -3.23
C SER B 107 -8.68 -2.45 -3.69
N ALA B 108 -8.50 -3.23 -4.75
CA ALA B 108 -9.58 -4.07 -5.24
C ALA B 108 -9.99 -5.17 -4.26
N PHE B 109 -9.15 -5.43 -3.25
CA PHE B 109 -9.44 -6.45 -2.21
C PHE B 109 -10.29 -5.96 -1.04
N ALA B 110 -10.23 -4.67 -0.76
CA ALA B 110 -10.75 -4.13 0.49
C ALA B 110 -12.28 -4.13 0.54
N GLY B 111 -12.84 -4.87 1.49
CA GLY B 111 -14.28 -5.00 1.59
C GLY B 111 -14.98 -5.63 0.39
N THR B 112 -14.25 -6.37 -0.43
CA THR B 112 -14.86 -7.09 -1.56
C THR B 112 -14.69 -8.59 -1.37
N ASP B 113 -15.28 -9.37 -2.29
CA ASP B 113 -15.08 -10.82 -2.29
C ASP B 113 -14.09 -11.25 -3.37
N LEU B 114 -13.19 -10.34 -3.75
CA LEU B 114 -12.20 -10.66 -4.77
C LEU B 114 -11.33 -11.85 -4.37
N GLU B 115 -10.85 -11.86 -3.13
CA GLU B 115 -9.98 -12.95 -2.73
C GLU B 115 -10.76 -14.27 -2.74
N LEU B 116 -11.97 -14.25 -2.20
CA LEU B 116 -12.84 -15.43 -2.25
C LEU B 116 -12.93 -16.00 -3.66
N LYS B 117 -13.27 -15.15 -4.63
CA LYS B 117 -13.41 -15.57 -6.03
C LYS B 117 -12.11 -16.11 -6.59
N LEU B 118 -11.00 -15.45 -6.27
CA LEU B 118 -9.70 -15.87 -6.79
C LEU B 118 -9.27 -17.23 -6.21
N ARG B 119 -9.57 -17.47 -4.94
CA ARG B 119 -9.22 -18.72 -4.29
C ARG B 119 -10.10 -19.87 -4.83
N GLU B 120 -11.41 -19.62 -4.95
CA GLU B 120 -12.32 -20.57 -5.63
C GLU B 120 -11.76 -21.07 -6.96
N ARG B 121 -11.13 -20.17 -7.70
CA ARG B 121 -10.65 -20.48 -9.03
C ARG B 121 -9.19 -20.86 -9.03
N GLN B 122 -8.61 -20.97 -7.83
CA GLN B 122 -7.24 -21.38 -7.66
C GLN B 122 -6.30 -20.52 -8.48
N ILE B 123 -6.58 -19.23 -8.51
CA ILE B 123 -5.72 -18.35 -9.28
C ILE B 123 -4.46 -18.00 -8.49
N ALA B 124 -3.32 -18.05 -9.16
CA ALA B 124 -2.03 -17.86 -8.50
C ALA B 124 -1.29 -16.65 -9.03
N GLU B 125 -1.69 -16.18 -10.21
CA GLU B 125 -1.00 -15.03 -10.79
C GLU B 125 -1.99 -13.93 -11.14
N LEU B 126 -1.77 -12.75 -10.57
CA LEU B 126 -2.66 -11.61 -10.75
C LEU B 126 -2.01 -10.55 -11.63
N HIS B 127 -2.65 -10.27 -12.77
CA HIS B 127 -2.20 -9.23 -13.67
C HIS B 127 -2.98 -7.96 -13.38
N LEU B 128 -2.29 -6.84 -13.26
CA LEU B 128 -2.91 -5.59 -12.90
C LEU B 128 -2.81 -4.60 -14.05
N ALA B 129 -3.93 -3.95 -14.30
CA ALA B 129 -4.02 -2.86 -15.27
C ALA B 129 -5.02 -1.82 -14.79
N GLY B 130 -4.94 -0.60 -15.31
CA GLY B 130 -5.91 0.42 -14.95
C GLY B 130 -5.33 1.68 -14.31
N LEU B 131 -6.14 2.40 -13.55
CA LEU B 131 -5.75 3.68 -12.95
C LEU B 131 -5.95 3.71 -11.42
N CYS B 132 -5.16 4.49 -10.67
CA CYS B 132 -3.85 5.04 -11.04
C CYS B 132 -2.72 4.11 -10.60
N THR B 133 -1.58 4.20 -11.30
CA THR B 133 -0.43 3.35 -11.06
C THR B 133 -0.01 3.42 -9.60
N ASP B 134 -0.06 4.62 -9.03
CA ASP B 134 0.49 4.85 -7.70
C ASP B 134 -0.61 5.05 -6.67
N ILE B 135 -1.85 4.75 -7.04
CA ILE B 135 -2.89 4.74 -6.05
C ILE B 135 -3.67 3.42 -6.04
N CYS B 136 -4.66 3.24 -6.92
CA CYS B 136 -5.47 2.01 -6.85
C CYS B 136 -4.68 0.79 -7.30
N VAL B 137 -3.85 0.95 -8.32
CA VAL B 137 -3.01 -0.17 -8.75
C VAL B 137 -2.04 -0.49 -7.62
N LEU B 138 -1.44 0.53 -7.01
CA LEU B 138 -0.49 0.32 -5.89
C LEU B 138 -1.12 -0.41 -4.70
N HIS B 139 -2.23 0.11 -4.19
CA HIS B 139 -2.89 -0.52 -3.03
C HIS B 139 -3.32 -1.95 -3.33
N THR B 140 -3.85 -2.15 -4.53
CA THR B 140 -4.20 -3.50 -4.93
C THR B 140 -2.97 -4.39 -4.90
N ALA B 141 -1.85 -3.87 -5.40
CA ALA B 141 -0.65 -4.67 -5.46
C ALA B 141 -0.15 -4.97 -4.05
N VAL B 142 -0.34 -4.03 -3.13
CA VAL B 142 0.13 -4.21 -1.75
C VAL B 142 -0.67 -5.34 -1.09
N ASP B 143 -1.99 -5.28 -1.22
CA ASP B 143 -2.83 -6.37 -0.75
C ASP B 143 -2.47 -7.71 -1.41
N ALA B 144 -2.21 -7.70 -2.72
CA ALA B 144 -1.92 -8.94 -3.44
C ALA B 144 -0.62 -9.56 -2.93
N TYR B 145 0.38 -8.71 -2.76
CA TYR B 145 1.68 -9.10 -2.19
C TYR B 145 1.51 -9.74 -0.81
N ASN B 146 0.82 -9.05 0.07
CA ASN B 146 0.61 -9.56 1.41
C ASN B 146 -0.25 -10.83 1.44
N LYS B 147 -0.94 -11.12 0.33
CA LYS B 147 -1.81 -12.29 0.26
C LYS B 147 -1.18 -13.41 -0.56
N GLY B 148 0.08 -13.22 -0.93
CA GLY B 148 0.88 -14.29 -1.50
C GLY B 148 0.71 -14.56 -2.99
N PHE B 149 0.04 -13.66 -3.71
CA PHE B 149 -0.13 -13.84 -5.15
C PHE B 149 1.14 -13.47 -5.90
N GLN B 150 1.42 -14.17 -7.01
CA GLN B 150 2.40 -13.67 -7.96
C GLN B 150 1.76 -12.48 -8.66
N ILE B 151 2.54 -11.47 -9.00
CA ILE B 151 1.97 -10.23 -9.51
C ILE B 151 2.63 -9.81 -10.83
N VAL B 152 1.81 -9.44 -11.80
CA VAL B 152 2.30 -8.92 -13.07
C VAL B 152 1.67 -7.56 -13.30
N ILE B 153 2.49 -6.54 -13.46
CA ILE B 153 2.01 -5.19 -13.73
C ILE B 153 2.13 -4.92 -15.23
N HIS B 154 1.04 -4.53 -15.90
CA HIS B 154 1.18 -4.24 -17.33
C HIS B 154 1.43 -2.75 -17.54
N GLN B 155 2.70 -2.40 -17.74
CA GLN B 155 3.11 -1.02 -17.53
C GLN B 155 2.59 -0.08 -18.60
N ASN B 156 2.23 -0.66 -19.75
CA ASN B 156 1.61 0.12 -20.82
C ASN B 156 0.10 0.12 -20.70
N ALA B 157 -0.43 -0.65 -19.75
CA ALA B 157 -1.88 -0.62 -19.48
C ALA B 157 -2.20 -0.02 -18.10
N VAL B 158 -1.23 0.67 -17.52
CA VAL B 158 -1.50 1.48 -16.33
C VAL B 158 -1.03 2.91 -16.56
N ALA B 159 -1.66 3.83 -15.86
CA ALA B 159 -1.25 5.22 -15.93
C ALA B 159 -1.62 5.95 -14.66
N SER B 160 -0.99 7.11 -14.49
CA SER B 160 -1.33 8.03 -13.42
C SER B 160 -1.25 9.44 -13.94
N PHE B 161 -1.91 10.35 -13.25
CA PHE B 161 -1.74 11.78 -13.52
C PHE B 161 -0.31 12.21 -13.24
N ASN B 162 0.26 11.67 -12.16
CA ASN B 162 1.59 12.04 -11.71
C ASN B 162 2.67 11.14 -12.32
N PRO B 163 3.47 11.69 -13.23
CA PRO B 163 4.46 10.91 -13.98
C PRO B 163 5.51 10.37 -13.05
N GLU B 164 5.90 11.18 -12.06
CA GLU B 164 6.89 10.75 -11.08
C GLU B 164 6.32 9.65 -10.16
N GLY B 165 5.03 9.73 -9.85
CA GLY B 165 4.36 8.70 -9.07
C GLY B 165 4.26 7.39 -9.84
N HIS B 166 3.99 7.50 -11.14
CA HIS B 166 3.94 6.35 -12.04
C HIS B 166 5.30 5.65 -12.05
N GLU B 167 6.35 6.45 -12.22
CA GLU B 167 7.71 5.91 -12.25
C GLU B 167 8.08 5.27 -10.92
N TRP B 168 7.77 5.98 -9.84
CA TRP B 168 8.08 5.51 -8.50
C TRP B 168 7.40 4.15 -8.30
N ALA B 169 6.13 4.08 -8.68
CA ALA B 169 5.32 2.89 -8.49
C ALA B 169 5.89 1.70 -9.26
N LEU B 170 6.26 1.90 -10.52
CA LEU B 170 6.81 0.80 -11.30
C LEU B 170 8.08 0.27 -10.65
N SER B 171 8.93 1.17 -10.16
CA SER B 171 10.13 0.76 -9.44
C SER B 171 9.83 0.04 -8.12
N HIS B 172 8.79 0.48 -7.41
CA HIS B 172 8.38 -0.17 -6.18
C HIS B 172 7.93 -1.60 -6.48
N PHE B 173 7.15 -1.76 -7.55
CA PHE B 173 6.64 -3.06 -7.97
C PHE B 173 7.77 -4.02 -8.28
N LYS B 174 8.77 -3.52 -9.01
CA LYS B 174 9.88 -4.40 -9.36
C LYS B 174 10.80 -4.68 -8.15
N ASN B 175 11.20 -3.64 -7.43
CA ASN B 175 12.23 -3.74 -6.39
C ASN B 175 11.79 -4.11 -4.97
N SER B 176 10.55 -3.79 -4.62
CA SER B 176 10.08 -4.06 -3.27
C SER B 176 9.12 -5.24 -3.26
N ILE B 177 8.13 -5.20 -4.14
CA ILE B 177 7.12 -6.23 -4.23
C ILE B 177 7.63 -7.45 -5.04
N GLY B 178 8.64 -7.24 -5.88
CA GLY B 178 9.22 -8.31 -6.67
C GLY B 178 8.26 -8.82 -7.73
N ALA B 179 7.43 -7.93 -8.25
CA ALA B 179 6.50 -8.27 -9.31
C ALA B 179 7.23 -8.34 -10.66
N GLN B 180 6.55 -8.87 -11.67
CA GLN B 180 7.05 -8.76 -13.03
C GLN B 180 6.43 -7.52 -13.64
N VAL B 181 7.23 -6.61 -14.18
CA VAL B 181 6.66 -5.46 -14.88
C VAL B 181 6.77 -5.67 -16.39
N ALA B 182 5.64 -5.91 -17.03
CA ALA B 182 5.60 -6.38 -18.41
C ALA B 182 5.26 -5.27 -19.39
N GLU B 183 5.91 -5.31 -20.54
CA GLU B 183 5.59 -4.41 -21.66
C GLU B 183 4.53 -5.01 -22.57
#